data_3GLP
#
_entry.id   3GLP
#
_cell.length_a   36.96
_cell.length_b   38.85
_cell.length_c   77.72
_cell.angle_alpha   90.00
_cell.angle_beta   89.98
_cell.angle_gamma   90.00
#
_symmetry.space_group_name_H-M   'C 1 2 1'
#
loop_
_entity.id
_entity.type
_entity.pdbx_description
1 polymer "5'-R(*GP*CP*UP*GP*CP*UP*GP*C)-3'"
2 non-polymer 'SULFATE ION'
3 non-polymer GLYCEROL
4 water water
#
_entity_poly.entity_id   1
_entity_poly.type   'polyribonucleotide'
_entity_poly.pdbx_seq_one_letter_code
;GCUGCUGC
;
_entity_poly.pdbx_strand_id   A,B,C,D,E
#